data_7SLV
#
_entry.id   7SLV
#
_cell.length_a   64.656
_cell.length_b   111.511
_cell.length_c   147.440
_cell.angle_alpha   90.000
_cell.angle_beta   90.000
_cell.angle_gamma   90.000
#
_symmetry.space_group_name_H-M   'I 2 2 2'
#
loop_
_entity.id
_entity.type
_entity.pdbx_description
1 polymer Pantetheinase
2 branched beta-D-mannopyranose-(1-3)-[beta-D-mannopyranose-(1-6)]beta-D-mannopyranose-(1-4)-2-acetamido-2-deoxy-beta-D-glucopyranose-(1-4)-2-acetamido-2-deoxy-beta-D-glucopyranose
3 branched beta-D-mannopyranose-(1-3)-beta-D-mannopyranose-(1-6)-[beta-D-mannopyranose-(1-3)]beta-D-mannopyranose-(1-4)-2-acetamido-2-deoxy-beta-D-glucopyranose-(1-4)-2-acetamido-2-deoxy-beta-D-glucopyranose
4 non-polymer 2-acetamido-2-deoxy-beta-D-glucopyranose
5 non-polymer (8-oxa-2-azaspiro[4.5]decan-2-yl)(2-{[(pyrazin-2-yl)methyl]amino}pyrimidin-5-yl)methanone
6 non-polymer 'SODIUM ION'
7 water water
#
_entity_poly.entity_id   1
_entity_poly.type   'polypeptide(L)'
_entity_poly.pdbx_seq_one_letter_code
;GSGHHHHHHGSGDYKDDDDKQDTFTAAVYEHAAILPNATLTPVSREEALALMNRNLDILEGAITSAADQGAHIIVTPEDA
IYGWNFNRDSLYPYLEDIPDPEVNWIPCNNRNRFGQTPVQERLSCLAKNNSIYVVANIGDKKPCDTSDPQCPPDGRYQYN
TDVVFDSQGKLVARYHKQNLFMGENQFNVPKEPEIVTFNTTFGSFGIFTCFDILFHDPAVTLVKDFHVDTIVFPTAWMNV
LPHLSAVEFHSAWAMGMRVNFLASNIHYPSKKMTGSGIYAPNSSRAFHYDMKTEEGKLLLSQLDSHPSHSAVVNWTSYAS
SIEALSSGNKEFKGTVFFDEFTFVKLTGVAGNYTVCQKDLCCHLSYKMSENIPNEVYALGAFDGLHTVEGRYYLQICTLL
KCKTTNLNTCGDSAETASTRFEMFSLSGTFGTQYVFPEVLLSENQLAPGEFQVSTDGRLFSLKPTSGPVLTVTLFGRLYE
KD
;
_entity_poly.pdbx_strand_id   A
#
loop_
_chem_comp.id
_chem_comp.type
_chem_comp.name
_chem_comp.formula
9TC non-polymer (8-oxa-2-azaspiro[4.5]decan-2-yl)(2-{[(pyrazin-2-yl)methyl]amino}pyrimidin-5-yl)methanone 'C18 H22 N6 O2'
BMA D-saccharide, beta linking beta-D-mannopyranose 'C6 H12 O6'
NA non-polymer 'SODIUM ION' 'Na 1'
NAG D-saccharide, beta linking 2-acetamido-2-deoxy-beta-D-glucopyranose 'C8 H15 N O6'
#
# COMPACT_ATOMS: atom_id res chain seq x y z
N ASP A 22 -23.12 11.78 4.27
CA ASP A 22 -22.57 10.91 5.30
C ASP A 22 -21.05 10.87 5.15
N THR A 23 -20.36 11.21 6.23
CA THR A 23 -18.91 11.20 6.35
C THR A 23 -18.57 10.45 7.62
N PHE A 24 -17.30 10.04 7.79
CA PHE A 24 -16.87 9.39 9.03
C PHE A 24 -15.46 9.84 9.29
N THR A 25 -14.94 9.64 10.51
CA THR A 25 -13.57 10.00 10.82
C THR A 25 -12.75 8.71 10.80
N ALA A 26 -11.74 8.70 9.96
CA ALA A 26 -10.87 7.55 9.80
C ALA A 26 -9.58 7.76 10.59
N ALA A 27 -8.97 6.70 11.10
CA ALA A 27 -7.70 6.81 11.80
C ALA A 27 -6.74 5.71 11.36
N VAL A 28 -5.46 6.04 11.26
CA VAL A 28 -4.40 5.07 10.98
C VAL A 28 -3.28 5.39 11.94
N TYR A 29 -2.58 4.36 12.39
CA TYR A 29 -1.46 4.49 13.28
C TYR A 29 -0.22 3.87 12.69
N GLU A 30 0.86 4.64 12.62
CA GLU A 30 2.17 4.18 12.16
C GLU A 30 2.85 3.75 13.46
N HIS A 31 3.31 2.49 13.52
CA HIS A 31 3.81 1.88 14.75
C HIS A 31 5.31 1.52 14.79
N ALA A 32 6.05 2.10 15.77
CA ALA A 32 7.46 1.74 16.01
C ALA A 32 7.37 0.48 16.84
N ALA A 33 7.45 -0.68 16.21
CA ALA A 33 7.23 -1.95 16.90
C ALA A 33 8.39 -2.42 17.78
N ILE A 34 8.04 -3.16 18.86
CA ILE A 34 8.97 -3.83 19.75
C ILE A 34 9.12 -5.20 19.15
N LEU A 35 10.28 -5.49 18.57
CA LEU A 35 10.54 -6.78 17.92
C LEU A 35 11.08 -7.83 18.91
N PRO A 36 10.75 -9.13 18.73
CA PRO A 36 11.30 -10.16 19.63
C PRO A 36 12.81 -10.22 19.56
N ASN A 37 13.49 -10.53 20.70
CA ASN A 37 14.94 -10.63 20.81
C ASN A 37 15.54 -11.45 19.67
N ALA A 38 14.91 -12.59 19.34
CA ALA A 38 15.26 -13.50 18.23
C ALA A 38 16.70 -14.12 18.28
N THR A 39 16.87 -15.43 18.00
CA THR A 39 15.85 -16.45 17.72
C THR A 39 16.34 -17.79 18.29
N LEU A 40 17.07 -18.60 17.47
CA LEU A 40 17.68 -19.92 17.74
C LEU A 40 16.67 -21.01 18.20
N THR A 41 16.02 -20.82 19.37
CA THR A 41 15.03 -21.76 19.89
C THR A 41 13.68 -21.03 20.11
N PRO A 42 12.53 -21.59 19.61
CA PRO A 42 11.22 -20.94 19.85
C PRO A 42 10.96 -20.61 21.32
N VAL A 43 10.37 -19.42 21.59
CA VAL A 43 10.02 -18.95 22.94
C VAL A 43 8.81 -19.69 23.48
N SER A 44 8.53 -19.53 24.78
CA SER A 44 7.36 -20.11 25.42
C SER A 44 6.16 -19.20 25.11
N ARG A 45 4.92 -19.73 25.23
CA ARG A 45 3.70 -18.97 24.96
C ARG A 45 3.63 -17.77 25.92
N GLU A 46 4.23 -17.90 27.12
CA GLU A 46 4.28 -16.86 28.15
C GLU A 46 5.18 -15.71 27.71
N GLU A 47 6.35 -16.03 27.11
CA GLU A 47 7.31 -15.04 26.60
C GLU A 47 6.77 -14.32 25.33
N ALA A 48 6.12 -15.08 24.41
CA ALA A 48 5.50 -14.57 23.17
C ALA A 48 4.36 -13.60 23.51
N LEU A 49 3.48 -14.00 24.43
CA LEU A 49 2.36 -13.21 24.95
C LEU A 49 2.83 -11.94 25.62
N ALA A 50 3.96 -12.01 26.38
CA ALA A 50 4.55 -10.86 27.08
C ALA A 50 4.96 -9.82 26.06
N LEU A 51 5.65 -10.25 25.00
CA LEU A 51 6.10 -9.37 23.93
C LEU A 51 4.90 -8.75 23.20
N MET A 52 3.91 -9.58 22.83
CA MET A 52 2.70 -9.13 22.15
C MET A 52 1.96 -8.07 22.96
N ASN A 53 1.86 -8.29 24.28
CA ASN A 53 1.24 -7.33 25.19
C ASN A 53 2.01 -6.03 25.31
N ARG A 54 3.33 -6.04 25.13
CA ARG A 54 4.14 -4.80 25.13
C ARG A 54 3.77 -3.94 23.89
N ASN A 55 3.58 -4.60 22.72
CA ASN A 55 3.14 -3.90 21.50
C ASN A 55 1.68 -3.43 21.60
N LEU A 56 0.79 -4.29 22.16
CA LEU A 56 -0.64 -4.02 22.37
C LEU A 56 -0.89 -2.85 23.33
N ASP A 57 0.02 -2.64 24.32
CA ASP A 57 -0.02 -1.50 25.27
C ASP A 57 0.17 -0.19 24.52
N ILE A 58 1.04 -0.21 23.48
CA ILE A 58 1.32 0.96 22.65
C ILE A 58 0.11 1.19 21.73
N LEU A 59 -0.43 0.10 21.13
CA LEU A 59 -1.59 0.22 20.25
C LEU A 59 -2.83 0.71 20.99
N GLU A 60 -2.97 0.31 22.28
CA GLU A 60 -4.06 0.78 23.16
C GLU A 60 -3.98 2.30 23.26
N GLY A 61 -2.76 2.84 23.38
CA GLY A 61 -2.54 4.28 23.41
C GLY A 61 -3.10 5.00 22.20
N ALA A 62 -2.87 4.45 20.99
CA ALA A 62 -3.36 5.06 19.76
C ALA A 62 -4.86 4.88 19.58
N ILE A 63 -5.37 3.68 19.93
CA ILE A 63 -6.81 3.36 19.79
C ILE A 63 -7.66 4.30 20.68
N THR A 64 -7.29 4.44 21.98
CA THR A 64 -7.96 5.36 22.91
C THR A 64 -7.89 6.82 22.43
N SER A 65 -6.72 7.29 21.93
CA SER A 65 -6.60 8.66 21.38
C SER A 65 -7.47 8.86 20.15
N ALA A 66 -7.46 7.88 19.22
CA ALA A 66 -8.29 7.96 18.00
C ALA A 66 -9.77 8.06 18.38
N ALA A 67 -10.22 7.21 19.33
CA ALA A 67 -11.59 7.16 19.83
C ALA A 67 -11.96 8.46 20.56
N ASP A 68 -11.05 8.99 21.45
CA ASP A 68 -11.26 10.28 22.12
C ASP A 68 -11.35 11.43 21.07
N GLN A 69 -10.66 11.30 19.91
CA GLN A 69 -10.72 12.31 18.84
C GLN A 69 -11.88 12.09 17.84
N GLY A 70 -12.79 11.17 18.16
CA GLY A 70 -13.96 10.93 17.31
C GLY A 70 -13.80 9.99 16.12
N ALA A 71 -12.72 9.16 16.07
CA ALA A 71 -12.58 8.25 14.92
C ALA A 71 -13.60 7.09 15.01
N HIS A 72 -14.18 6.68 13.85
CA HIS A 72 -15.10 5.55 13.73
C HIS A 72 -14.38 4.21 13.55
N ILE A 73 -13.13 4.26 13.05
CA ILE A 73 -12.31 3.06 12.75
C ILE A 73 -10.83 3.41 12.87
N ILE A 74 -10.02 2.47 13.34
CA ILE A 74 -8.58 2.64 13.38
C ILE A 74 -7.92 1.38 12.80
N VAL A 75 -6.91 1.56 11.91
CA VAL A 75 -6.11 0.49 11.32
C VAL A 75 -4.71 0.54 11.98
N THR A 76 -4.19 -0.62 12.32
CA THR A 76 -2.87 -0.80 12.91
C THR A 76 -2.08 -1.62 11.90
N PRO A 77 -0.73 -1.58 11.91
CA PRO A 77 0.03 -2.21 10.81
C PRO A 77 0.13 -3.73 10.82
N GLU A 78 0.61 -4.27 9.68
CA GLU A 78 0.91 -5.68 9.54
C GLU A 78 2.11 -5.97 10.45
N ASP A 79 2.10 -7.13 11.17
CA ASP A 79 3.19 -7.57 12.07
C ASP A 79 3.48 -6.61 13.23
N ALA A 80 2.56 -5.70 13.52
CA ALA A 80 2.74 -4.70 14.57
C ALA A 80 2.87 -5.31 15.99
N ILE A 81 2.39 -6.53 16.17
CA ILE A 81 2.31 -7.18 17.48
C ILE A 81 3.46 -8.18 17.74
N TYR A 82 4.13 -8.68 16.69
CA TYR A 82 5.20 -9.66 16.87
C TYR A 82 6.36 -9.58 15.85
N GLY A 83 6.38 -8.58 14.98
CA GLY A 83 7.45 -8.44 14.00
C GLY A 83 7.44 -9.42 12.86
N TRP A 84 8.56 -9.51 12.15
CA TRP A 84 8.65 -10.32 10.93
C TRP A 84 9.84 -11.29 10.86
N ASN A 85 10.59 -11.47 11.96
CA ASN A 85 11.77 -12.36 11.96
C ASN A 85 11.40 -13.74 12.51
N PHE A 86 10.99 -14.67 11.62
CA PHE A 86 10.53 -15.99 12.02
C PHE A 86 10.74 -17.10 10.99
N ASN A 87 10.71 -18.34 11.49
CA ASN A 87 10.63 -19.58 10.74
C ASN A 87 9.30 -20.17 11.29
N ARG A 88 8.79 -21.27 10.72
CA ARG A 88 7.52 -21.87 11.14
C ARG A 88 7.40 -22.16 12.65
N ASP A 89 8.50 -22.62 13.28
CA ASP A 89 8.53 -23.02 14.69
C ASP A 89 8.67 -21.84 15.65
N SER A 90 9.51 -20.81 15.33
CA SER A 90 9.65 -19.63 16.18
C SER A 90 8.35 -18.79 16.22
N LEU A 91 7.55 -18.86 15.14
CA LEU A 91 6.28 -18.13 15.02
C LEU A 91 5.17 -18.79 15.85
N TYR A 92 5.08 -20.15 15.83
CA TYR A 92 4.06 -20.98 16.49
C TYR A 92 3.58 -20.44 17.86
N PRO A 93 4.44 -20.14 18.87
CA PRO A 93 3.92 -19.66 20.17
C PRO A 93 3.15 -18.33 20.17
N TYR A 94 3.18 -17.59 19.05
CA TYR A 94 2.52 -16.29 18.92
C TYR A 94 1.10 -16.42 18.34
N LEU A 95 0.78 -17.59 17.79
CA LEU A 95 -0.43 -17.91 17.06
C LEU A 95 -1.64 -18.27 17.89
N GLU A 96 -2.83 -17.88 17.40
CA GLU A 96 -4.12 -18.20 18.03
C GLU A 96 -5.03 -18.89 17.01
N ASP A 97 -6.01 -19.66 17.48
CA ASP A 97 -6.93 -20.26 16.50
C ASP A 97 -8.04 -19.23 16.35
N ILE A 98 -8.06 -18.52 15.20
CA ILE A 98 -9.03 -17.46 14.93
C ILE A 98 -10.23 -18.09 14.26
N PRO A 99 -11.41 -18.03 14.91
CA PRO A 99 -12.57 -18.72 14.35
C PRO A 99 -13.15 -17.97 13.17
N ASP A 100 -14.05 -18.65 12.45
CA ASP A 100 -14.74 -18.06 11.33
C ASP A 100 -15.60 -16.93 11.88
N PRO A 101 -15.51 -15.68 11.36
CA PRO A 101 -16.39 -14.60 11.88
C PRO A 101 -17.91 -14.88 11.90
N GLU A 102 -18.40 -15.85 11.10
CA GLU A 102 -19.85 -16.20 11.06
C GLU A 102 -20.37 -16.77 12.39
N VAL A 103 -19.43 -17.29 13.19
CA VAL A 103 -19.57 -17.84 14.53
C VAL A 103 -20.22 -16.82 15.53
N ASN A 104 -20.25 -15.51 15.16
CA ASN A 104 -20.92 -14.43 15.91
C ASN A 104 -20.38 -14.36 17.37
N TRP A 105 -19.18 -13.79 17.53
CA TRP A 105 -18.48 -13.80 18.79
C TRP A 105 -17.88 -12.48 19.18
N ILE A 106 -18.11 -12.10 20.46
CA ILE A 106 -17.53 -10.92 21.10
C ILE A 106 -16.52 -11.49 22.10
N PRO A 107 -15.23 -11.67 21.68
CA PRO A 107 -14.24 -12.25 22.62
C PRO A 107 -14.15 -11.61 24.00
N CYS A 108 -14.45 -10.29 24.10
CA CYS A 108 -14.47 -9.53 25.35
C CYS A 108 -15.59 -9.99 26.30
N ASN A 109 -16.76 -10.38 25.75
CA ASN A 109 -17.95 -10.83 26.49
C ASN A 109 -18.02 -12.35 26.76
N ASN A 110 -17.15 -13.15 26.11
CA ASN A 110 -17.13 -14.62 26.25
C ASN A 110 -15.71 -15.11 25.96
N ARG A 111 -14.80 -14.80 26.89
CA ARG A 111 -13.35 -15.03 26.87
C ARG A 111 -12.87 -16.44 26.49
N ASN A 112 -13.53 -17.50 26.97
CA ASN A 112 -13.06 -18.88 26.73
C ASN A 112 -13.92 -19.70 25.77
N ARG A 113 -14.77 -19.06 24.93
CA ARG A 113 -15.60 -19.78 23.96
C ARG A 113 -14.76 -20.70 23.06
N PHE A 114 -13.59 -20.21 22.59
CA PHE A 114 -12.71 -20.94 21.68
C PHE A 114 -11.33 -21.30 22.25
N GLY A 115 -11.27 -21.51 23.57
CA GLY A 115 -10.01 -21.86 24.22
C GLY A 115 -9.17 -20.67 24.63
N GLN A 116 -7.84 -20.82 24.55
CA GLN A 116 -6.90 -19.76 24.94
C GLN A 116 -6.68 -18.78 23.79
N THR A 117 -7.36 -17.62 23.85
CA THR A 117 -7.31 -16.54 22.86
C THR A 117 -7.13 -15.15 23.52
N PRO A 118 -5.99 -14.91 24.24
CA PRO A 118 -5.82 -13.60 24.91
C PRO A 118 -5.62 -12.39 23.97
N VAL A 119 -5.03 -12.57 22.78
CA VAL A 119 -4.84 -11.43 21.86
C VAL A 119 -6.19 -10.99 21.30
N GLN A 120 -7.05 -11.97 20.88
CA GLN A 120 -8.40 -11.71 20.35
C GLN A 120 -9.30 -11.00 21.36
N GLU A 121 -9.22 -11.46 22.63
CA GLU A 121 -9.96 -10.87 23.75
C GLU A 121 -9.52 -9.42 23.97
N ARG A 122 -8.19 -9.17 24.00
CA ARG A 122 -7.64 -7.81 24.18
C ARG A 122 -8.08 -6.87 23.04
N LEU A 123 -7.97 -7.33 21.79
CA LEU A 123 -8.44 -6.53 20.65
C LEU A 123 -9.93 -6.26 20.67
N SER A 124 -10.73 -7.27 21.08
CA SER A 124 -12.18 -7.13 21.22
C SER A 124 -12.53 -6.08 22.28
N CYS A 125 -11.87 -6.17 23.46
CA CYS A 125 -12.08 -5.22 24.56
C CYS A 125 -11.64 -3.81 24.15
N LEU A 126 -10.54 -3.68 23.36
CA LEU A 126 -10.10 -2.36 22.90
C LEU A 126 -11.15 -1.73 22.00
N ALA A 127 -11.76 -2.53 21.09
CA ALA A 127 -12.80 -2.08 20.17
C ALA A 127 -14.06 -1.72 20.94
N LYS A 128 -14.48 -2.63 21.84
CA LYS A 128 -15.68 -2.44 22.65
C LYS A 128 -15.57 -1.24 23.61
N ASN A 129 -14.51 -1.17 24.41
CA ASN A 129 -14.36 -0.11 25.42
C ASN A 129 -14.17 1.25 24.86
N ASN A 130 -13.61 1.35 23.65
CA ASN A 130 -13.40 2.63 23.01
C ASN A 130 -14.47 2.92 22.00
N SER A 131 -15.47 2.00 21.84
CA SER A 131 -16.61 2.13 20.91
C SER A 131 -16.12 2.48 19.47
N ILE A 132 -15.08 1.76 19.01
CA ILE A 132 -14.42 2.02 17.73
C ILE A 132 -14.12 0.72 17.00
N TYR A 133 -14.11 0.74 15.66
CA TYR A 133 -13.72 -0.43 14.88
C TYR A 133 -12.21 -0.51 14.93
N VAL A 134 -11.67 -1.70 15.17
CA VAL A 134 -10.23 -1.91 15.29
C VAL A 134 -9.80 -2.92 14.26
N VAL A 135 -8.81 -2.54 13.42
CA VAL A 135 -8.27 -3.42 12.39
C VAL A 135 -6.84 -3.73 12.84
N ALA A 136 -6.50 -5.00 13.00
CA ALA A 136 -5.17 -5.37 13.48
C ALA A 136 -4.70 -6.58 12.72
N ASN A 137 -3.40 -6.80 12.74
CA ASN A 137 -2.81 -7.92 12.06
C ASN A 137 -2.11 -8.85 13.02
N ILE A 138 -2.64 -10.07 13.16
CA ILE A 138 -2.08 -11.09 14.05
C ILE A 138 -1.84 -12.40 13.27
N GLY A 139 -1.58 -13.49 13.99
CA GLY A 139 -1.31 -14.77 13.36
C GLY A 139 -2.33 -15.83 13.70
N ASP A 140 -2.79 -16.57 12.68
CA ASP A 140 -3.76 -17.64 12.79
C ASP A 140 -3.07 -19.01 12.70
N LYS A 141 -3.58 -19.92 13.50
CA LYS A 141 -3.16 -21.31 13.60
C LYS A 141 -4.37 -22.15 13.22
N LYS A 142 -4.23 -23.11 12.29
CA LYS A 142 -5.32 -24.02 11.90
C LYS A 142 -4.76 -25.46 11.88
N PRO A 143 -5.01 -26.27 12.95
CA PRO A 143 -4.47 -27.64 12.95
C PRO A 143 -5.13 -28.52 11.91
N CYS A 144 -4.32 -29.37 11.27
CA CYS A 144 -4.82 -30.26 10.23
C CYS A 144 -4.30 -31.68 10.36
N ASP A 145 -5.04 -32.62 9.77
CA ASP A 145 -4.74 -34.04 9.79
C ASP A 145 -3.96 -34.41 8.54
N THR A 146 -3.14 -35.47 8.65
CA THR A 146 -2.36 -36.04 7.54
C THR A 146 -3.32 -36.55 6.42
N SER A 147 -4.64 -36.61 6.72
CA SER A 147 -5.73 -37.03 5.83
C SER A 147 -5.93 -36.11 4.63
N ASP A 148 -5.88 -34.77 4.84
CA ASP A 148 -5.99 -33.81 3.73
C ASP A 148 -4.62 -33.63 3.05
N PRO A 149 -4.57 -33.74 1.70
CA PRO A 149 -3.28 -33.70 0.99
C PRO A 149 -2.46 -32.42 1.14
N GLN A 150 -3.14 -31.26 1.26
CA GLN A 150 -2.50 -29.95 1.35
C GLN A 150 -1.99 -29.58 2.76
N CYS A 151 -2.25 -30.43 3.79
CA CYS A 151 -1.80 -30.15 5.16
C CYS A 151 -0.29 -30.22 5.29
N PRO A 152 0.35 -29.17 5.86
CA PRO A 152 1.82 -29.19 5.98
C PRO A 152 2.37 -30.31 6.88
N PRO A 153 3.63 -30.81 6.63
CA PRO A 153 4.19 -31.88 7.50
C PRO A 153 4.25 -31.54 8.99
N ASP A 154 4.04 -30.24 9.30
CA ASP A 154 4.01 -29.62 10.63
C ASP A 154 2.80 -30.04 11.45
N GLY A 155 1.70 -30.33 10.76
CA GLY A 155 0.42 -30.70 11.36
C GLY A 155 -0.54 -29.55 11.52
N ARG A 156 -0.18 -28.38 10.96
CA ARG A 156 -0.99 -27.15 11.04
C ARG A 156 -0.70 -26.15 9.91
N TYR A 157 -1.67 -25.26 9.63
CA TYR A 157 -1.51 -24.14 8.72
C TYR A 157 -1.26 -22.95 9.62
N GLN A 158 -0.45 -21.98 9.15
CA GLN A 158 -0.10 -20.76 9.87
C GLN A 158 -0.40 -19.60 8.90
N TYR A 159 -1.23 -18.66 9.31
CA TYR A 159 -1.59 -17.57 8.42
C TYR A 159 -1.34 -16.23 8.99
N ASN A 160 -0.88 -15.30 8.12
CA ASN A 160 -0.69 -13.88 8.42
C ASN A 160 -2.13 -13.34 8.28
N THR A 161 -2.75 -12.94 9.40
CA THR A 161 -4.17 -12.64 9.45
C THR A 161 -4.57 -11.27 9.95
N ASP A 162 -5.42 -10.62 9.17
CA ASP A 162 -6.04 -9.39 9.62
C ASP A 162 -7.32 -9.74 10.31
N VAL A 163 -7.55 -9.12 11.45
CA VAL A 163 -8.80 -9.26 12.20
C VAL A 163 -9.47 -7.89 12.31
N VAL A 164 -10.80 -7.87 12.24
CA VAL A 164 -11.55 -6.63 12.37
C VAL A 164 -12.56 -6.86 13.50
N PHE A 165 -12.52 -6.00 14.50
CA PHE A 165 -13.47 -6.00 15.58
C PHE A 165 -14.32 -4.76 15.44
N ASP A 166 -15.66 -4.91 15.51
CA ASP A 166 -16.54 -3.74 15.40
C ASP A 166 -16.61 -2.95 16.72
N SER A 167 -17.38 -1.85 16.72
CA SER A 167 -17.63 -0.92 17.85
C SER A 167 -18.11 -1.61 19.14
N GLN A 168 -18.71 -2.80 19.02
CA GLN A 168 -19.25 -3.56 20.14
C GLN A 168 -18.34 -4.69 20.55
N GLY A 169 -17.18 -4.79 19.91
CA GLY A 169 -16.21 -5.83 20.20
C GLY A 169 -16.39 -7.13 19.44
N LYS A 170 -17.33 -7.17 18.48
CA LYS A 170 -17.55 -8.43 17.73
C LYS A 170 -16.52 -8.70 16.60
N LEU A 171 -16.05 -9.95 16.46
CA LEU A 171 -15.18 -10.35 15.35
C LEU A 171 -16.06 -10.31 14.05
N VAL A 172 -15.77 -9.36 13.13
CA VAL A 172 -16.58 -9.21 11.90
C VAL A 172 -15.79 -9.54 10.62
N ALA A 173 -14.46 -9.75 10.73
CA ALA A 173 -13.65 -10.09 9.57
C ALA A 173 -12.37 -10.75 9.97
N ARG A 174 -11.98 -11.74 9.20
CA ARG A 174 -10.75 -12.50 9.35
C ARG A 174 -10.19 -12.67 7.92
N TYR A 175 -8.98 -12.16 7.66
CA TYR A 175 -8.38 -12.24 6.31
C TYR A 175 -6.98 -12.82 6.36
N HIS A 176 -6.76 -13.96 5.69
CA HIS A 176 -5.45 -14.65 5.57
C HIS A 176 -4.78 -14.14 4.30
N LYS A 177 -3.57 -13.53 4.42
CA LYS A 177 -2.80 -12.93 3.32
C LYS A 177 -2.59 -13.90 2.17
N GLN A 178 -3.03 -13.53 0.98
CA GLN A 178 -2.92 -14.36 -0.19
C GLN A 178 -1.52 -14.30 -0.80
N ASN A 179 -0.99 -13.09 -0.97
CA ASN A 179 0.28 -12.86 -1.67
C ASN A 179 1.42 -12.66 -0.71
N LEU A 180 2.14 -13.73 -0.42
CA LEU A 180 3.28 -13.68 0.48
C LEU A 180 4.54 -13.11 -0.19
N PHE A 181 5.26 -12.30 0.56
CA PHE A 181 6.50 -11.67 0.12
C PHE A 181 7.69 -12.60 0.35
N MET A 182 8.84 -12.28 -0.27
CA MET A 182 10.13 -12.98 -0.15
C MET A 182 10.48 -13.26 1.33
N GLY A 183 10.72 -14.53 1.63
CA GLY A 183 11.09 -14.99 2.95
C GLY A 183 9.99 -15.01 4.00
N GLU A 184 8.71 -15.16 3.57
CA GLU A 184 7.58 -15.28 4.51
C GLU A 184 7.23 -16.75 4.61
N ASN A 185 8.28 -17.59 4.81
CA ASN A 185 8.25 -19.04 4.91
C ASN A 185 7.58 -19.55 6.20
N GLN A 186 7.33 -18.65 7.17
CA GLN A 186 6.63 -19.00 8.41
C GLN A 186 5.10 -19.11 8.18
N PHE A 187 4.62 -18.66 7.00
CA PHE A 187 3.20 -18.61 6.66
C PHE A 187 2.81 -19.48 5.48
N ASN A 188 1.51 -19.82 5.44
CA ASN A 188 0.88 -20.56 4.36
C ASN A 188 0.01 -19.63 3.55
N VAL A 189 -0.34 -20.08 2.36
CA VAL A 189 -1.19 -19.39 1.40
C VAL A 189 -2.55 -20.10 1.48
N PRO A 190 -3.69 -19.37 1.61
CA PRO A 190 -5.00 -20.06 1.55
C PRO A 190 -5.24 -20.69 0.16
N LYS A 191 -6.03 -21.77 0.10
CA LYS A 191 -6.37 -22.54 -1.13
C LYS A 191 -6.98 -21.61 -2.19
N GLU A 192 -7.99 -20.83 -1.78
CA GLU A 192 -8.68 -19.90 -2.69
C GLU A 192 -8.48 -18.51 -2.13
N PRO A 193 -8.34 -17.46 -2.98
CA PRO A 193 -8.19 -16.10 -2.42
C PRO A 193 -9.40 -15.74 -1.56
N GLU A 194 -9.15 -15.15 -0.39
CA GLU A 194 -10.23 -14.77 0.52
C GLU A 194 -10.69 -13.35 0.22
N ILE A 195 -11.95 -13.20 -0.18
CA ILE A 195 -12.57 -11.92 -0.52
C ILE A 195 -13.36 -11.49 0.71
N VAL A 196 -12.69 -10.74 1.56
CA VAL A 196 -13.23 -10.37 2.88
C VAL A 196 -13.71 -8.92 2.90
N THR A 197 -14.97 -8.76 3.28
CA THR A 197 -15.67 -7.48 3.41
C THR A 197 -16.40 -7.43 4.78
N PHE A 198 -16.73 -6.25 5.24
CA PHE A 198 -17.53 -6.05 6.45
C PHE A 198 -18.29 -4.79 6.16
N ASN A 199 -19.58 -4.78 6.51
CA ASN A 199 -20.45 -3.64 6.23
C ASN A 199 -20.70 -2.88 7.51
N THR A 200 -20.77 -1.55 7.43
CA THR A 200 -20.95 -0.65 8.59
C THR A 200 -21.99 0.40 8.25
N THR A 201 -22.28 1.32 9.21
CA THR A 201 -23.20 2.46 8.97
C THR A 201 -22.41 3.59 8.25
N PHE A 202 -21.11 3.36 7.97
CA PHE A 202 -20.24 4.36 7.30
C PHE A 202 -19.52 3.76 6.08
N GLY A 203 -20.25 2.93 5.34
CA GLY A 203 -19.80 2.32 4.10
C GLY A 203 -19.42 0.85 4.17
N SER A 204 -19.24 0.25 2.99
CA SER A 204 -18.84 -1.15 2.79
C SER A 204 -17.32 -1.16 2.77
N PHE A 205 -16.70 -2.07 3.52
CA PHE A 205 -15.23 -2.12 3.62
C PHE A 205 -14.67 -3.42 3.11
N GLY A 206 -13.51 -3.33 2.48
CA GLY A 206 -12.76 -4.47 1.98
C GLY A 206 -11.43 -4.44 2.69
N ILE A 207 -10.69 -5.54 2.66
CA ILE A 207 -9.42 -5.61 3.36
C ILE A 207 -8.42 -6.52 2.67
N PHE A 208 -7.14 -6.11 2.71
CA PHE A 208 -6.03 -6.91 2.22
C PHE A 208 -4.79 -6.37 2.88
N THR A 209 -3.64 -7.01 2.68
CA THR A 209 -2.44 -6.67 3.43
C THR A 209 -1.25 -6.49 2.56
N CYS A 210 -0.48 -5.43 2.83
CA CYS A 210 0.82 -5.17 2.21
C CYS A 210 0.95 -5.58 0.71
N PHE A 211 1.74 -6.62 0.42
CA PHE A 211 2.05 -7.11 -0.92
C PHE A 211 0.83 -7.41 -1.81
N ASP A 212 -0.34 -7.66 -1.20
CA ASP A 212 -1.60 -7.90 -1.89
C ASP A 212 -1.94 -6.76 -2.85
N ILE A 213 -1.53 -5.52 -2.49
CA ILE A 213 -1.79 -4.33 -3.31
C ILE A 213 -1.18 -4.43 -4.73
N LEU A 214 -0.21 -5.32 -4.97
CA LEU A 214 0.37 -5.48 -6.31
C LEU A 214 -0.26 -6.56 -7.15
N PHE A 215 -1.30 -7.24 -6.62
CA PHE A 215 -1.94 -8.36 -7.29
C PHE A 215 -3.44 -8.16 -7.42
N HIS A 216 -4.04 -8.98 -8.25
CA HIS A 216 -5.45 -8.89 -8.62
C HIS A 216 -6.40 -9.45 -7.54
N ASP A 217 -5.98 -10.53 -6.89
CA ASP A 217 -6.80 -11.22 -5.89
C ASP A 217 -6.22 -11.17 -4.51
N PRO A 218 -6.98 -10.60 -3.54
CA PRO A 218 -8.37 -10.11 -3.64
C PRO A 218 -8.55 -8.64 -3.97
N ALA A 219 -7.43 -7.86 -4.00
CA ALA A 219 -7.40 -6.39 -4.12
C ALA A 219 -8.38 -5.79 -5.17
N VAL A 220 -8.23 -6.21 -6.45
CA VAL A 220 -9.04 -5.75 -7.61
C VAL A 220 -10.47 -6.28 -7.47
N THR A 221 -10.63 -7.55 -7.16
CA THR A 221 -11.93 -8.17 -6.96
C THR A 221 -12.81 -7.42 -5.95
N LEU A 222 -12.23 -7.05 -4.78
CA LEU A 222 -13.00 -6.28 -3.77
C LEU A 222 -13.60 -5.02 -4.35
N VAL A 223 -12.80 -4.30 -5.12
CA VAL A 223 -13.22 -3.07 -5.71
C VAL A 223 -14.17 -3.26 -6.92
N LYS A 224 -13.75 -4.05 -7.93
CA LYS A 224 -14.55 -4.15 -9.15
C LYS A 224 -15.76 -5.09 -9.03
N ASP A 225 -15.67 -6.13 -8.20
CA ASP A 225 -16.81 -7.04 -8.14
C ASP A 225 -17.67 -6.91 -6.92
N PHE A 226 -17.04 -6.63 -5.78
CA PHE A 226 -17.73 -6.51 -4.50
C PHE A 226 -18.11 -5.08 -4.22
N HIS A 227 -17.64 -4.15 -5.07
CA HIS A 227 -17.99 -2.70 -5.03
C HIS A 227 -17.79 -2.02 -3.66
N VAL A 228 -16.69 -2.34 -2.96
CA VAL A 228 -16.46 -1.71 -1.66
C VAL A 228 -16.24 -0.18 -1.80
N ASP A 229 -16.57 0.57 -0.72
CA ASP A 229 -16.34 2.00 -0.66
C ASP A 229 -14.91 2.31 -0.22
N THR A 230 -14.41 1.56 0.79
CA THR A 230 -13.13 1.79 1.47
C THR A 230 -12.34 0.50 1.64
N ILE A 231 -11.00 0.62 1.55
CA ILE A 231 -10.11 -0.48 1.85
C ILE A 231 -9.38 -0.12 3.13
N VAL A 232 -9.30 -1.07 4.06
CA VAL A 232 -8.47 -0.97 5.25
C VAL A 232 -7.19 -1.81 4.94
N PHE A 233 -6.01 -1.21 5.14
CA PHE A 233 -4.80 -1.88 4.70
C PHE A 233 -3.59 -1.90 5.70
N PRO A 234 -3.48 -2.95 6.52
CA PRO A 234 -2.30 -3.05 7.39
C PRO A 234 -1.11 -3.37 6.48
N THR A 235 0.05 -2.71 6.71
CA THR A 235 1.20 -2.97 5.86
C THR A 235 2.50 -2.85 6.67
N ALA A 236 3.57 -3.55 6.21
CA ALA A 236 4.94 -3.43 6.75
C ALA A 236 5.77 -3.25 5.50
N TRP A 237 5.56 -2.12 4.83
CA TRP A 237 6.14 -1.77 3.53
C TRP A 237 7.56 -1.20 3.57
N MET A 238 8.43 -1.73 2.72
CA MET A 238 9.80 -1.26 2.53
C MET A 238 9.83 -0.38 1.30
N ASN A 239 10.03 0.93 1.52
CA ASN A 239 10.04 1.96 0.48
C ASN A 239 11.09 1.72 -0.60
N VAL A 240 10.66 1.74 -1.87
CA VAL A 240 11.55 1.57 -3.04
C VAL A 240 11.24 2.68 -4.03
N LEU A 241 12.02 3.75 -3.99
CA LEU A 241 11.88 4.88 -4.90
C LEU A 241 12.38 4.45 -6.28
N PRO A 242 11.89 5.03 -7.38
CA PRO A 242 11.00 6.19 -7.48
C PRO A 242 9.51 5.88 -7.50
N HIS A 243 9.12 4.60 -7.63
CA HIS A 243 7.69 4.28 -7.80
C HIS A 243 7.03 3.57 -6.65
N LEU A 244 7.81 2.93 -5.78
CA LEU A 244 7.19 2.10 -4.77
C LEU A 244 7.44 2.57 -3.35
N SER A 245 7.29 3.89 -3.12
CA SER A 245 7.33 4.47 -1.77
C SER A 245 5.88 4.34 -1.29
N ALA A 246 5.69 3.91 -0.04
CA ALA A 246 4.36 3.60 0.51
C ALA A 246 3.32 4.69 0.26
N VAL A 247 3.55 5.93 0.71
CA VAL A 247 2.56 7.01 0.55
C VAL A 247 2.22 7.26 -0.91
N GLU A 248 3.23 7.16 -1.75
CA GLU A 248 3.14 7.40 -3.16
C GLU A 248 2.29 6.35 -3.87
N PHE A 249 2.70 5.08 -3.76
CA PHE A 249 2.01 4.00 -4.42
C PHE A 249 0.60 3.72 -3.85
N HIS A 250 0.45 3.74 -2.49
CA HIS A 250 -0.83 3.43 -1.86
C HIS A 250 -1.91 4.46 -2.18
N SER A 251 -1.52 5.74 -2.30
CA SER A 251 -2.49 6.80 -2.65
C SER A 251 -2.81 6.77 -4.12
N ALA A 252 -1.84 6.34 -4.96
CA ALA A 252 -2.01 6.19 -6.42
C ALA A 252 -3.03 5.08 -6.67
N TRP A 253 -2.89 3.94 -5.95
CA TRP A 253 -3.77 2.78 -6.05
C TRP A 253 -5.18 3.19 -5.67
N ALA A 254 -5.32 3.99 -4.58
CA ALA A 254 -6.62 4.52 -4.13
C ALA A 254 -7.27 5.37 -5.23
N MET A 255 -6.48 6.23 -5.88
CA MET A 255 -6.94 7.11 -6.97
C MET A 255 -7.30 6.31 -8.25
N GLY A 256 -6.44 5.36 -8.63
CA GLY A 256 -6.69 4.51 -9.79
C GLY A 256 -7.91 3.59 -9.63
N MET A 257 -8.19 3.15 -8.40
CA MET A 257 -9.33 2.26 -8.11
C MET A 257 -10.57 3.02 -7.66
N ARG A 258 -10.46 4.35 -7.46
CA ARG A 258 -11.59 5.22 -7.07
C ARG A 258 -12.20 4.73 -5.74
N VAL A 259 -11.36 4.50 -4.75
CA VAL A 259 -11.82 4.04 -3.46
C VAL A 259 -11.14 4.80 -2.29
N ASN A 260 -11.76 4.81 -1.10
CA ASN A 260 -11.09 5.32 0.10
C ASN A 260 -10.05 4.24 0.49
N PHE A 261 -8.96 4.65 1.12
CA PHE A 261 -7.87 3.76 1.44
C PHE A 261 -7.21 4.14 2.74
N LEU A 262 -7.21 3.24 3.73
CA LEU A 262 -6.60 3.51 5.05
C LEU A 262 -5.32 2.70 5.23
N ALA A 263 -4.16 3.31 4.94
CA ALA A 263 -2.87 2.61 4.99
C ALA A 263 -2.15 2.79 6.34
N SER A 264 -1.99 1.70 7.10
CA SER A 264 -1.32 1.76 8.39
C SER A 264 -0.02 0.96 8.29
N ASN A 265 1.11 1.64 8.44
CA ASN A 265 2.43 1.05 8.19
C ASN A 265 3.29 0.93 9.42
N ILE A 266 4.25 -0.01 9.40
CA ILE A 266 5.24 -0.16 10.47
C ILE A 266 6.20 1.04 10.37
N HIS A 267 6.64 1.56 11.55
CA HIS A 267 7.65 2.61 11.59
C HIS A 267 9.03 1.99 11.91
N TYR A 268 9.87 1.80 10.89
CA TYR A 268 11.21 1.24 11.09
C TYR A 268 12.19 1.84 10.03
N PRO A 269 12.66 3.10 10.20
CA PRO A 269 13.55 3.72 9.20
C PRO A 269 14.74 2.90 8.72
N SER A 270 15.36 2.10 9.62
CA SER A 270 16.52 1.27 9.22
C SER A 270 16.21 0.25 8.10
N LYS A 271 14.91 -0.15 7.93
CA LYS A 271 14.48 -1.07 6.85
C LYS A 271 13.69 -0.30 5.81
N LYS A 272 13.71 1.04 5.92
CA LYS A 272 13.00 1.96 5.04
C LYS A 272 11.46 1.82 5.16
N MET A 273 11.00 1.57 6.38
CA MET A 273 9.57 1.42 6.66
C MET A 273 9.05 2.69 7.30
N THR A 274 8.20 3.38 6.55
CA THR A 274 7.53 4.62 6.94
C THR A 274 6.61 5.06 5.80
N GLY A 275 5.39 5.45 6.14
CA GLY A 275 4.47 5.91 5.12
C GLY A 275 3.08 5.40 5.33
N SER A 276 2.30 6.15 6.10
CA SER A 276 0.91 5.85 6.44
C SER A 276 0.08 7.02 5.95
N GLY A 277 -1.20 6.78 5.69
CA GLY A 277 -2.07 7.84 5.22
C GLY A 277 -3.51 7.45 5.09
N ILE A 278 -4.33 8.43 4.79
CA ILE A 278 -5.78 8.31 4.61
C ILE A 278 -6.03 8.89 3.25
N TYR A 279 -6.39 8.02 2.30
CA TYR A 279 -6.53 8.43 0.92
C TYR A 279 -7.95 8.31 0.41
N ALA A 280 -8.35 9.30 -0.36
CA ALA A 280 -9.68 9.40 -0.91
C ALA A 280 -9.56 9.20 -2.41
N PRO A 281 -10.65 8.93 -3.17
CA PRO A 281 -10.48 8.75 -4.63
C PRO A 281 -9.90 9.95 -5.39
N ASN A 282 -10.13 11.18 -4.93
CA ASN A 282 -9.69 12.40 -5.60
C ASN A 282 -8.28 12.87 -5.22
N SER A 283 -7.81 12.51 -4.01
CA SER A 283 -6.52 12.90 -3.47
C SER A 283 -6.30 12.33 -2.10
N SER A 284 -5.05 12.42 -1.61
CA SER A 284 -4.68 12.08 -0.26
C SER A 284 -5.41 13.07 0.69
N ARG A 285 -5.76 12.62 1.89
CA ARG A 285 -6.44 13.43 2.90
C ARG A 285 -5.54 13.70 4.12
N ALA A 286 -4.57 12.81 4.37
CA ALA A 286 -3.56 12.91 5.43
C ALA A 286 -2.48 11.89 5.11
N PHE A 287 -1.22 12.20 5.37
CA PHE A 287 -0.14 11.26 5.14
C PHE A 287 1.01 11.53 6.12
N HIS A 288 1.88 10.55 6.33
CA HIS A 288 3.02 10.68 7.23
C HIS A 288 4.19 9.91 6.68
N TYR A 289 5.33 10.58 6.57
CA TYR A 289 6.61 10.04 6.13
C TYR A 289 7.68 10.59 7.12
N ASP A 290 8.49 9.72 7.73
CA ASP A 290 9.49 10.15 8.69
C ASP A 290 10.59 9.15 8.82
N MET A 291 11.75 9.53 8.31
CA MET A 291 12.95 8.70 8.33
C MET A 291 13.90 9.14 9.45
N LYS A 292 13.55 10.22 10.17
CA LYS A 292 14.36 10.85 11.21
C LYS A 292 14.18 10.31 12.62
N THR A 293 12.94 10.30 13.13
CA THR A 293 12.71 9.83 14.50
C THR A 293 12.43 8.34 14.50
N GLU A 294 12.32 7.79 15.72
CA GLU A 294 11.99 6.39 15.95
C GLU A 294 10.56 6.29 16.53
N GLU A 295 9.78 7.38 16.45
CA GLU A 295 8.44 7.47 17.04
C GLU A 295 7.29 7.11 16.05
N GLY A 296 6.22 6.58 16.61
CA GLY A 296 5.02 6.25 15.85
C GLY A 296 4.21 7.50 15.62
N LYS A 297 3.12 7.41 14.89
CA LYS A 297 2.30 8.59 14.61
C LYS A 297 0.86 8.19 14.35
N LEU A 298 -0.06 8.91 14.97
CA LEU A 298 -1.47 8.69 14.76
C LEU A 298 -1.97 9.75 13.81
N LEU A 299 -2.66 9.32 12.75
CA LEU A 299 -3.26 10.22 11.77
C LEU A 299 -4.76 10.06 11.81
N LEU A 300 -5.48 11.17 11.60
CA LEU A 300 -6.94 11.20 11.56
C LEU A 300 -7.38 12.10 10.43
N SER A 301 -8.52 11.78 9.81
CA SER A 301 -9.10 12.55 8.71
C SER A 301 -10.48 12.05 8.38
N GLN A 302 -11.37 12.96 7.99
CA GLN A 302 -12.72 12.65 7.56
C GLN A 302 -12.71 12.12 6.13
N LEU A 303 -13.71 11.29 5.80
CA LEU A 303 -13.91 10.71 4.47
C LEU A 303 -15.40 10.61 4.22
N ASP A 304 -15.79 10.52 2.94
CA ASP A 304 -17.18 10.27 2.56
C ASP A 304 -17.39 8.78 2.70
N SER A 305 -18.46 8.41 3.39
CA SER A 305 -18.88 7.01 3.63
C SER A 305 -19.11 6.27 2.30
N HIS A 306 -19.76 6.94 1.34
CA HIS A 306 -20.09 6.42 0.02
C HIS A 306 -19.53 7.33 -1.05
N PRO A 307 -18.20 7.33 -1.29
CA PRO A 307 -17.65 8.23 -2.33
C PRO A 307 -18.11 7.86 -3.74
N SER A 308 -18.02 8.79 -4.70
CA SER A 308 -18.39 8.42 -6.07
C SER A 308 -17.27 7.52 -6.66
N HIS A 309 -17.67 6.40 -7.27
CA HIS A 309 -16.78 5.40 -7.86
C HIS A 309 -16.82 5.44 -9.40
N SER A 310 -17.81 6.17 -9.94
CA SER A 310 -18.17 6.27 -11.36
C SER A 310 -17.22 7.10 -12.28
N ALA A 311 -16.17 7.77 -11.74
CA ALA A 311 -15.22 8.56 -12.59
C ALA A 311 -14.25 7.67 -13.39
N VAL A 312 -14.79 6.99 -14.44
CA VAL A 312 -14.11 6.03 -15.33
C VAL A 312 -13.05 6.68 -16.25
N VAL A 313 -11.89 6.00 -16.38
CA VAL A 313 -10.75 6.42 -17.21
C VAL A 313 -10.43 5.30 -18.21
N ASN A 314 -10.20 5.70 -19.47
CA ASN A 314 -9.70 4.79 -20.48
C ASN A 314 -8.24 5.24 -20.56
N TRP A 315 -7.31 4.39 -20.09
CA TRP A 315 -5.90 4.76 -20.00
C TRP A 315 -5.11 4.86 -21.31
N THR A 316 -5.61 4.30 -22.42
CA THR A 316 -4.89 4.32 -23.69
C THR A 316 -5.44 5.30 -24.69
N SER A 317 -6.64 5.85 -24.42
CA SER A 317 -7.42 6.73 -25.29
C SER A 317 -6.61 7.83 -25.99
N TYR A 318 -6.24 8.89 -25.26
CA TYR A 318 -5.49 10.04 -25.78
C TYR A 318 -4.19 9.64 -26.45
N ALA A 319 -3.38 8.83 -25.77
CA ALA A 319 -2.07 8.43 -26.25
C ALA A 319 -2.07 7.65 -27.56
N SER A 320 -3.08 6.79 -27.77
CA SER A 320 -3.27 6.00 -28.98
C SER A 320 -3.80 6.83 -30.17
N SER A 321 -4.37 8.01 -29.88
CA SER A 321 -4.95 8.90 -30.88
C SER A 321 -3.91 9.80 -31.57
N ILE A 322 -3.00 10.38 -30.76
CA ILE A 322 -1.96 11.33 -31.17
C ILE A 322 -0.74 10.65 -31.84
N GLU A 323 0.08 11.44 -32.58
CA GLU A 323 1.33 11.01 -33.23
C GLU A 323 2.52 11.44 -32.35
N ALA A 324 3.69 10.77 -32.46
CA ALA A 324 4.91 11.06 -31.67
C ALA A 324 5.19 12.56 -31.52
N LEU A 325 5.30 13.04 -30.26
CA LEU A 325 5.51 14.46 -29.93
C LEU A 325 6.90 14.96 -30.25
N SER A 326 7.87 14.04 -30.31
CA SER A 326 9.28 14.30 -30.57
C SER A 326 9.79 13.25 -31.56
N SER A 327 10.77 13.64 -32.38
CA SER A 327 11.34 12.76 -33.40
C SER A 327 12.85 12.74 -33.25
N GLY A 328 13.49 11.68 -33.76
CA GLY A 328 14.94 11.47 -33.76
C GLY A 328 15.65 11.94 -32.50
N ASN A 329 15.55 11.14 -31.42
CA ASN A 329 16.17 11.54 -30.16
C ASN A 329 17.13 10.52 -29.59
N LYS A 330 18.05 11.04 -28.78
CA LYS A 330 19.08 10.29 -28.08
C LYS A 330 18.40 9.54 -26.92
N GLU A 331 18.05 8.29 -27.20
CA GLU A 331 17.39 7.40 -26.26
C GLU A 331 18.42 6.46 -25.64
N PHE A 332 18.32 6.27 -24.31
CA PHE A 332 19.22 5.42 -23.55
C PHE A 332 18.45 4.49 -22.62
N LYS A 333 19.07 3.34 -22.31
CA LYS A 333 18.56 2.34 -21.37
C LYS A 333 18.99 2.81 -19.97
N GLY A 334 18.04 2.77 -19.02
CA GLY A 334 18.24 3.13 -17.63
C GLY A 334 17.51 2.14 -16.74
N THR A 335 18.16 1.73 -15.62
CA THR A 335 17.63 0.78 -14.65
C THR A 335 16.80 1.47 -13.56
N VAL A 336 15.56 1.00 -13.40
CA VAL A 336 14.62 1.49 -12.39
C VAL A 336 14.17 0.25 -11.65
N PHE A 337 14.56 0.13 -10.36
CA PHE A 337 14.21 -1.02 -9.52
C PHE A 337 14.44 -2.37 -10.26
N PHE A 338 15.69 -2.53 -10.79
CA PHE A 338 16.16 -3.68 -11.55
C PHE A 338 15.47 -3.86 -12.93
N ASP A 339 14.59 -2.92 -13.36
CA ASP A 339 13.91 -3.01 -14.66
C ASP A 339 14.53 -2.01 -15.66
N GLU A 340 14.86 -2.49 -16.88
CA GLU A 340 15.47 -1.65 -17.94
C GLU A 340 14.46 -0.84 -18.73
N PHE A 341 14.37 0.44 -18.40
CA PHE A 341 13.50 1.41 -19.06
C PHE A 341 14.22 2.02 -20.29
N THR A 342 13.45 2.59 -21.21
CA THR A 342 13.96 3.33 -22.38
C THR A 342 13.62 4.75 -22.00
N PHE A 343 14.65 5.61 -21.91
CA PHE A 343 14.55 7.00 -21.52
C PHE A 343 14.86 7.96 -22.63
N VAL A 344 14.44 9.19 -22.43
CA VAL A 344 14.72 10.32 -23.27
C VAL A 344 14.91 11.48 -22.29
N LYS A 345 16.11 12.07 -22.31
CA LYS A 345 16.44 13.19 -21.43
C LYS A 345 15.57 14.37 -21.82
N LEU A 346 15.08 15.13 -20.83
CA LEU A 346 14.33 16.33 -21.13
C LEU A 346 15.38 17.42 -21.30
N THR A 347 15.36 18.11 -22.43
CA THR A 347 16.27 19.22 -22.74
C THR A 347 15.36 20.42 -22.93
N GLY A 348 15.62 21.47 -22.18
CA GLY A 348 14.83 22.69 -22.21
C GLY A 348 13.90 22.78 -21.02
N VAL A 349 13.55 24.02 -20.64
CA VAL A 349 12.65 24.35 -19.53
C VAL A 349 11.18 24.00 -19.90
N ALA A 350 10.93 23.68 -21.18
CA ALA A 350 9.62 23.30 -21.73
C ALA A 350 9.82 22.36 -22.89
N GLY A 351 8.86 21.49 -23.10
CA GLY A 351 8.94 20.52 -24.19
C GLY A 351 7.80 19.53 -24.28
N ASN A 352 7.87 18.74 -25.34
CA ASN A 352 6.93 17.70 -25.71
C ASN A 352 7.76 16.51 -26.18
N TYR A 353 7.65 15.39 -25.49
CA TYR A 353 8.40 14.20 -25.81
C TYR A 353 7.51 12.97 -25.85
N THR A 354 7.95 11.98 -26.62
CA THR A 354 7.37 10.67 -26.78
C THR A 354 8.54 9.70 -26.75
N VAL A 355 8.41 8.62 -25.98
CA VAL A 355 9.38 7.55 -25.89
C VAL A 355 8.59 6.26 -25.84
N CYS A 356 9.07 5.23 -26.54
CA CYS A 356 8.39 3.96 -26.58
C CYS A 356 9.30 2.87 -26.15
N GLN A 357 8.73 1.87 -25.51
CA GLN A 357 9.38 0.61 -25.23
C GLN A 357 8.37 -0.49 -25.55
N LYS A 358 8.67 -1.27 -26.60
CA LYS A 358 7.86 -2.40 -27.09
C LYS A 358 6.43 -1.96 -27.36
N ASP A 359 5.44 -2.55 -26.64
CA ASP A 359 4.01 -2.22 -26.80
C ASP A 359 3.55 -0.89 -26.13
N LEU A 360 4.45 -0.16 -25.47
CA LEU A 360 4.06 1.05 -24.75
C LEU A 360 4.73 2.28 -25.26
N CYS A 361 3.93 3.31 -25.53
CA CYS A 361 4.39 4.61 -25.95
C CYS A 361 3.92 5.67 -24.95
N CYS A 362 4.86 6.39 -24.35
CA CYS A 362 4.64 7.43 -23.34
C CYS A 362 4.80 8.82 -23.91
N HIS A 363 3.85 9.73 -23.59
CA HIS A 363 3.88 11.11 -24.04
C HIS A 363 3.97 12.03 -22.84
N LEU A 364 4.79 13.08 -22.93
CA LEU A 364 4.89 14.10 -21.90
C LEU A 364 4.93 15.47 -22.50
N SER A 365 4.15 16.34 -21.92
CA SER A 365 4.11 17.76 -22.20
C SER A 365 4.42 18.39 -20.84
N TYR A 366 5.42 19.29 -20.77
CA TYR A 366 5.84 19.89 -19.50
C TYR A 366 6.36 21.30 -19.64
N LYS A 367 6.39 22.01 -18.53
CA LYS A 367 6.95 23.34 -18.41
C LYS A 367 7.42 23.47 -16.96
N MET A 368 8.73 23.68 -16.77
CA MET A 368 9.35 23.82 -15.45
C MET A 368 9.19 25.24 -14.94
N SER A 369 9.25 25.44 -13.62
CA SER A 369 9.13 26.76 -12.97
C SER A 369 10.36 27.63 -13.28
N GLU A 370 11.52 26.97 -13.45
CA GLU A 370 12.85 27.49 -13.81
C GLU A 370 13.77 26.35 -14.25
N ASN A 371 14.85 26.71 -15.00
CA ASN A 371 15.85 25.74 -15.47
C ASN A 371 17.04 25.64 -14.50
N ILE A 372 16.76 25.09 -13.29
CA ILE A 372 17.68 24.84 -12.17
C ILE A 372 18.94 24.10 -12.64
N PRO A 373 20.15 24.61 -12.31
CA PRO A 373 21.38 23.95 -12.79
C PRO A 373 21.68 22.64 -12.06
N ASN A 374 22.37 21.72 -12.77
CA ASN A 374 22.82 20.42 -12.26
C ASN A 374 21.71 19.49 -11.81
N GLU A 375 20.57 19.54 -12.53
CA GLU A 375 19.39 18.72 -12.24
C GLU A 375 18.77 18.24 -13.55
N VAL A 376 18.89 16.93 -13.79
CA VAL A 376 18.45 16.27 -15.02
C VAL A 376 17.14 15.46 -14.81
N TYR A 377 16.23 15.59 -15.77
CA TYR A 377 14.96 14.88 -15.83
C TYR A 377 14.90 14.08 -17.10
N ALA A 378 14.24 12.91 -17.03
CA ALA A 378 14.08 12.02 -18.17
C ALA A 378 12.62 11.49 -18.21
N LEU A 379 12.18 11.06 -19.40
CA LEU A 379 10.87 10.44 -19.58
C LEU A 379 11.18 9.00 -19.92
N GLY A 380 10.71 8.07 -19.09
CA GLY A 380 10.99 6.65 -19.31
C GLY A 380 9.76 5.83 -19.68
N ALA A 381 9.99 4.70 -20.36
CA ALA A 381 8.98 3.74 -20.78
C ALA A 381 9.45 2.37 -20.40
N PHE A 382 8.54 1.55 -19.85
CA PHE A 382 8.83 0.18 -19.52
C PHE A 382 7.62 -0.70 -19.83
N ASP A 383 7.85 -1.82 -20.51
CA ASP A 383 6.84 -2.81 -20.81
C ASP A 383 7.50 -4.15 -20.62
N GLY A 384 7.27 -4.76 -19.47
CA GLY A 384 7.88 -6.05 -19.19
C GLY A 384 7.59 -6.56 -17.81
N LEU A 385 8.12 -7.74 -17.54
CA LEU A 385 7.96 -8.48 -16.31
C LEU A 385 9.01 -8.13 -15.27
N HIS A 386 8.56 -7.76 -14.06
CA HIS A 386 9.46 -7.50 -12.92
C HIS A 386 9.72 -8.87 -12.29
N THR A 387 10.98 -9.19 -11.95
CA THR A 387 11.29 -10.51 -11.39
C THR A 387 12.03 -10.48 -10.07
N VAL A 388 12.67 -9.34 -9.72
CA VAL A 388 13.46 -9.20 -8.47
C VAL A 388 12.56 -8.95 -7.24
N GLU A 389 12.53 -9.93 -6.32
CA GLU A 389 11.75 -9.93 -5.07
C GLU A 389 10.23 -9.90 -5.35
N GLY A 390 9.79 -10.54 -6.43
CA GLY A 390 8.38 -10.58 -6.81
C GLY A 390 8.23 -10.57 -8.30
N ARG A 391 7.28 -11.35 -8.81
CA ARG A 391 6.99 -11.53 -10.23
C ARG A 391 5.69 -10.89 -10.61
N TYR A 392 5.76 -9.83 -11.39
CA TYR A 392 4.56 -9.11 -11.80
C TYR A 392 4.81 -8.33 -13.04
N TYR A 393 3.85 -8.35 -13.94
CA TYR A 393 3.93 -7.65 -15.22
C TYR A 393 3.56 -6.18 -15.14
N LEU A 394 4.44 -5.34 -15.70
CA LEU A 394 4.31 -3.90 -15.64
C LEU A 394 4.38 -3.21 -16.99
N GLN A 395 3.68 -2.09 -17.07
CA GLN A 395 3.71 -1.09 -18.11
C GLN A 395 3.81 0.24 -17.40
N ILE A 396 4.95 0.93 -17.52
CA ILE A 396 5.15 2.20 -16.80
C ILE A 396 5.61 3.34 -17.71
N CYS A 397 5.01 4.54 -17.51
CA CYS A 397 5.38 5.82 -18.12
C CYS A 397 5.83 6.72 -16.97
N THR A 398 7.08 7.16 -17.00
CA THR A 398 7.49 7.99 -15.88
C THR A 398 8.27 9.23 -16.25
N LEU A 399 7.91 10.36 -15.63
CA LEU A 399 8.70 11.58 -15.66
C LEU A 399 9.47 11.48 -14.32
N LEU A 400 10.79 11.27 -14.39
CA LEU A 400 11.53 11.19 -13.13
C LEU A 400 12.77 12.10 -13.07
N LYS A 401 13.09 12.54 -11.86
CA LYS A 401 14.28 13.32 -11.52
C LYS A 401 15.42 12.31 -11.44
N CYS A 402 16.44 12.44 -12.32
CA CYS A 402 17.61 11.57 -12.33
C CYS A 402 18.42 11.83 -11.08
N LYS A 403 19.03 10.79 -10.47
CA LYS A 403 19.76 10.97 -9.20
C LYS A 403 20.83 12.07 -9.26
N THR A 404 21.71 12.04 -10.29
CA THR A 404 22.75 13.04 -10.51
C THR A 404 22.57 13.66 -11.92
N THR A 405 23.66 14.20 -12.53
CA THR A 405 23.63 14.77 -13.89
C THR A 405 23.99 13.70 -14.90
N ASN A 406 24.71 12.65 -14.46
CA ASN A 406 25.09 11.49 -15.26
C ASN A 406 23.83 10.66 -15.54
N LEU A 407 23.47 10.54 -16.83
CA LEU A 407 22.28 9.82 -17.31
C LEU A 407 22.19 8.37 -16.84
N ASN A 408 23.33 7.71 -16.51
CA ASN A 408 23.25 6.32 -16.00
C ASN A 408 22.70 6.24 -14.55
N THR A 409 22.31 7.41 -13.98
CA THR A 409 21.72 7.48 -12.65
C THR A 409 20.19 7.70 -12.72
N CYS A 410 19.61 7.86 -13.94
CA CYS A 410 18.17 8.03 -14.14
C CYS A 410 17.50 6.69 -13.81
N GLY A 411 16.60 6.72 -12.83
CA GLY A 411 15.92 5.53 -12.35
C GLY A 411 16.36 5.12 -10.96
N ASP A 412 17.49 5.65 -10.50
CA ASP A 412 17.96 5.36 -9.13
C ASP A 412 17.17 6.25 -8.13
N SER A 413 17.00 5.78 -6.87
CA SER A 413 16.30 6.51 -5.80
C SER A 413 16.90 7.90 -5.62
N ALA A 414 16.07 8.91 -5.79
CA ALA A 414 16.38 10.31 -5.61
C ALA A 414 15.33 10.79 -4.62
N GLU A 415 15.79 11.29 -3.47
CA GLU A 415 14.90 11.71 -2.38
C GLU A 415 14.65 13.20 -2.39
N THR A 416 15.51 13.98 -3.07
CA THR A 416 15.39 15.44 -3.13
C THR A 416 15.41 15.93 -4.54
N ALA A 417 14.80 17.09 -4.76
CA ALA A 417 14.76 17.76 -6.04
C ALA A 417 14.62 19.26 -5.77
N SER A 418 14.89 20.10 -6.80
CA SER A 418 14.77 21.56 -6.68
C SER A 418 13.82 22.14 -7.73
N THR A 419 13.62 21.40 -8.85
CA THR A 419 12.75 21.81 -9.97
C THR A 419 11.25 21.65 -9.68
N ARG A 420 10.57 22.78 -9.57
CA ARG A 420 9.12 22.79 -9.46
C ARG A 420 8.61 22.80 -10.90
N PHE A 421 7.41 22.27 -11.15
CA PHE A 421 6.84 22.30 -12.50
C PHE A 421 5.65 23.22 -12.54
N GLU A 422 5.53 23.98 -13.63
CA GLU A 422 4.43 24.91 -13.86
C GLU A 422 3.28 24.12 -14.50
N MET A 423 3.63 23.08 -15.29
CA MET A 423 2.70 22.22 -16.03
C MET A 423 3.30 20.87 -16.39
N PHE A 424 2.46 19.82 -16.36
CA PHE A 424 2.80 18.51 -16.86
C PHE A 424 1.53 17.84 -17.37
N SER A 425 1.69 16.94 -18.35
CA SER A 425 0.64 16.12 -18.90
C SER A 425 1.32 14.84 -19.33
N LEU A 426 1.03 13.76 -18.63
CA LEU A 426 1.63 12.47 -18.94
C LEU A 426 0.55 11.51 -19.43
N SER A 427 0.87 10.60 -20.39
CA SER A 427 -0.09 9.60 -20.90
C SER A 427 0.69 8.50 -21.58
N GLY A 428 0.05 7.36 -21.75
CA GLY A 428 0.67 6.19 -22.35
C GLY A 428 -0.33 5.31 -23.07
N THR A 429 0.17 4.47 -23.99
CA THR A 429 -0.66 3.53 -24.73
C THR A 429 -0.79 2.26 -23.90
N PHE A 430 -1.37 2.39 -22.70
CA PHE A 430 -1.54 1.27 -21.76
C PHE A 430 -2.38 0.17 -22.31
N GLY A 431 -1.87 -1.06 -22.20
CA GLY A 431 -2.59 -2.26 -22.61
C GLY A 431 -3.35 -2.86 -21.43
N THR A 432 -3.78 -2.00 -20.50
CA THR A 432 -4.47 -2.39 -19.27
C THR A 432 -5.40 -1.27 -18.79
N GLN A 433 -6.40 -1.63 -17.97
CA GLN A 433 -7.31 -0.66 -17.40
C GLN A 433 -6.88 -0.33 -15.97
N TYR A 434 -5.86 -1.02 -15.48
CA TYR A 434 -5.37 -0.83 -14.09
C TYR A 434 -4.07 -0.06 -14.08
N VAL A 435 -4.20 1.25 -13.99
CA VAL A 435 -3.10 2.22 -14.00
C VAL A 435 -3.24 3.09 -12.76
N PHE A 436 -2.16 3.20 -12.01
CA PHE A 436 -2.12 3.95 -10.76
C PHE A 436 -1.31 5.27 -10.92
N PRO A 437 -2.00 6.41 -10.82
CA PRO A 437 -1.32 7.70 -11.03
C PRO A 437 -0.58 8.22 -9.80
N GLU A 438 0.73 8.33 -9.93
CA GLU A 438 1.59 8.77 -8.86
C GLU A 438 2.22 10.13 -9.09
N VAL A 439 2.16 10.96 -8.07
CA VAL A 439 2.82 12.25 -8.02
C VAL A 439 3.58 12.29 -6.70
N LEU A 440 4.91 12.39 -6.80
CA LEU A 440 5.77 12.48 -5.63
C LEU A 440 6.67 13.68 -5.69
N LEU A 441 6.62 14.50 -4.65
CA LEU A 441 7.43 15.69 -4.48
C LEU A 441 8.64 15.46 -3.58
N SER A 442 9.60 16.40 -3.64
CA SER A 442 10.74 16.41 -2.72
C SER A 442 10.11 16.68 -1.33
N GLU A 443 10.44 15.94 -0.30
CA GLU A 443 11.24 14.75 -0.17
C GLU A 443 10.21 13.75 0.36
N ASN A 444 9.65 12.99 -0.58
CA ASN A 444 8.60 12.01 -0.33
C ASN A 444 7.28 12.66 0.13
N GLN A 445 6.99 13.89 -0.32
CA GLN A 445 5.72 14.54 0.00
C GLN A 445 4.71 14.28 -1.13
N LEU A 446 3.43 14.02 -0.73
CA LEU A 446 2.36 13.84 -1.71
C LEU A 446 1.91 15.23 -2.15
N ALA A 447 1.23 15.32 -3.30
CA ALA A 447 0.75 16.59 -3.84
C ALA A 447 -0.78 16.68 -3.91
N PRO A 448 -1.54 16.81 -2.79
CA PRO A 448 -3.00 16.95 -2.93
C PRO A 448 -3.51 18.40 -3.04
N GLY A 449 -4.54 18.71 -3.84
CA GLY A 449 -5.08 18.07 -5.02
C GLY A 449 -4.55 18.98 -6.12
N GLU A 450 -3.28 18.77 -6.46
CA GLU A 450 -2.52 19.56 -7.41
C GLU A 450 -2.57 18.97 -8.83
N PHE A 451 -3.12 17.76 -8.97
CA PHE A 451 -3.17 17.05 -10.25
C PHE A 451 -4.50 16.29 -10.34
N GLN A 452 -4.87 15.86 -11.56
CA GLN A 452 -6.07 15.09 -11.83
C GLN A 452 -5.79 14.10 -12.93
N VAL A 453 -6.75 13.17 -13.14
CA VAL A 453 -6.70 12.26 -14.27
C VAL A 453 -7.92 12.57 -15.15
N SER A 454 -7.69 12.71 -16.47
CA SER A 454 -8.78 12.98 -17.42
C SER A 454 -9.42 11.64 -17.86
N THR A 455 -10.67 11.68 -18.39
CA THR A 455 -11.33 10.47 -18.89
C THR A 455 -10.55 9.78 -20.02
N ASP A 456 -9.66 10.56 -20.69
CA ASP A 456 -8.73 10.26 -21.80
C ASP A 456 -7.47 9.46 -21.38
N GLY A 457 -7.18 9.44 -20.06
CA GLY A 457 -5.99 8.77 -19.54
C GLY A 457 -4.77 9.67 -19.37
N ARG A 458 -4.99 10.99 -19.25
CA ARG A 458 -3.90 11.92 -18.99
C ARG A 458 -3.81 12.30 -17.50
N LEU A 459 -2.60 12.21 -16.92
CA LEU A 459 -2.25 12.62 -15.56
C LEU A 459 -1.69 14.03 -15.76
N PHE A 460 -2.40 15.03 -15.24
CA PHE A 460 -2.04 16.40 -15.51
C PHE A 460 -2.15 17.28 -14.31
N SER A 461 -1.35 18.35 -14.29
CA SER A 461 -1.35 19.35 -13.21
C SER A 461 -2.53 20.30 -13.31
N LEU A 462 -3.06 20.71 -12.16
CA LEU A 462 -4.17 21.66 -12.02
C LEU A 462 -3.63 23.02 -11.61
N LYS A 463 -2.40 23.03 -11.08
CA LYS A 463 -1.70 24.19 -10.53
C LYS A 463 -0.21 23.93 -10.68
N PRO A 464 0.67 24.96 -10.61
CA PRO A 464 2.11 24.66 -10.52
C PRO A 464 2.31 23.90 -9.21
N THR A 465 3.19 22.89 -9.22
CA THR A 465 3.46 22.07 -8.05
C THR A 465 3.91 22.92 -6.84
N SER A 466 3.47 22.55 -5.62
CA SER A 466 3.79 23.32 -4.40
C SER A 466 5.23 23.09 -3.92
N GLY A 467 5.91 22.12 -4.50
CA GLY A 467 7.27 21.75 -4.16
C GLY A 467 7.96 21.17 -5.37
N PRO A 468 9.27 20.90 -5.30
CA PRO A 468 9.94 20.30 -6.47
C PRO A 468 9.46 18.87 -6.68
N VAL A 469 9.43 18.45 -7.96
CA VAL A 469 8.95 17.16 -8.40
C VAL A 469 10.02 16.08 -8.36
N LEU A 470 9.74 14.92 -7.70
CA LEU A 470 10.62 13.73 -7.74
C LEU A 470 10.17 12.87 -8.92
N THR A 471 8.83 12.72 -9.09
CA THR A 471 8.25 11.90 -10.16
C THR A 471 6.77 12.17 -10.41
N VAL A 472 6.38 11.95 -11.65
CA VAL A 472 5.01 11.92 -12.17
C VAL A 472 5.00 10.62 -12.95
N THR A 473 4.27 9.60 -12.48
CA THR A 473 4.24 8.27 -13.08
C THR A 473 2.84 7.70 -13.28
N LEU A 474 2.69 6.93 -14.36
CA LEU A 474 1.50 6.17 -14.62
C LEU A 474 1.99 4.75 -14.49
N PHE A 475 1.62 4.10 -13.35
CA PHE A 475 2.08 2.75 -12.98
C PHE A 475 0.98 1.72 -13.34
N GLY A 476 1.18 0.96 -14.41
CA GLY A 476 0.19 0.00 -14.90
C GLY A 476 0.49 -1.44 -14.64
N ARG A 477 -0.55 -2.22 -14.29
CA ARG A 477 -0.41 -3.64 -13.99
C ARG A 477 -1.14 -4.48 -15.02
N LEU A 478 -0.44 -5.47 -15.63
CA LEU A 478 -1.07 -6.40 -16.58
C LEU A 478 -1.10 -7.73 -15.88
N TYR A 479 -2.11 -7.87 -15.02
CA TYR A 479 -2.30 -9.02 -14.14
C TYR A 479 -2.24 -10.37 -14.88
N GLU A 480 -2.85 -10.46 -16.08
CA GLU A 480 -2.84 -11.69 -16.90
C GLU A 480 -1.45 -12.11 -17.41
N LYS A 481 -0.50 -11.17 -17.50
CA LYS A 481 0.84 -11.51 -18.00
C LYS A 481 1.86 -11.91 -16.90
N ASP A 482 1.41 -12.04 -15.64
CA ASP A 482 2.24 -12.40 -14.50
C ASP A 482 2.88 -13.79 -14.58
C1 NAG B . -10.21 2.53 -24.74
C2 NAG B . -11.07 1.28 -24.91
C3 NAG B . -10.35 0.52 -26.02
C4 NAG B . -10.23 1.35 -27.30
C5 NAG B . -9.44 2.63 -27.01
C6 NAG B . -9.41 3.60 -28.19
C7 NAG B . -12.03 0.16 -22.90
C8 NAG B . -11.71 -0.75 -21.75
N2 NAG B . -10.98 0.51 -23.67
O3 NAG B . -10.95 -0.76 -26.25
O4 NAG B . -9.51 0.58 -28.25
O5 NAG B . -10.04 3.34 -25.91
O6 NAG B . -10.72 3.81 -28.74
O7 NAG B . -13.17 0.57 -23.11
C1 NAG B . -9.98 0.47 -29.56
C2 NAG B . -8.85 -0.10 -30.41
C3 NAG B . -9.33 -0.26 -31.85
C4 NAG B . -10.59 -1.12 -31.89
C5 NAG B . -11.65 -0.56 -30.94
C6 NAG B . -12.89 -1.42 -30.81
C7 NAG B . -6.59 0.47 -29.59
C8 NAG B . -5.45 1.45 -29.70
N2 NAG B . -7.65 0.74 -30.36
O3 NAG B . -8.29 -0.87 -32.61
O4 NAG B . -11.10 -1.13 -33.22
O5 NAG B . -11.10 -0.42 -29.62
O6 NAG B . -13.95 -0.69 -30.22
O7 NAG B . -6.57 -0.49 -28.82
C1 BMA B . -10.88 -2.28 -33.99
C2 BMA B . -11.98 -2.37 -35.04
C3 BMA B . -11.77 -3.56 -35.96
C4 BMA B . -10.33 -3.65 -36.49
C5 BMA B . -9.30 -3.39 -35.40
C6 BMA B . -7.87 -3.23 -35.92
O2 BMA B . -12.04 -1.15 -35.78
O3 BMA B . -12.67 -3.52 -37.07
O4 BMA B . -10.12 -4.96 -37.03
O5 BMA B . -9.62 -2.20 -34.66
O6 BMA B . -7.46 -1.86 -36.00
C1 BMA B . -14.06 -3.79 -36.90
C2 BMA B . -14.81 -2.48 -37.20
C3 BMA B . -16.32 -2.71 -37.24
C4 BMA B . -16.66 -3.84 -38.22
C5 BMA B . -15.90 -5.10 -37.83
C6 BMA B . -16.10 -6.25 -38.79
O2 BMA B . -14.34 -1.89 -38.41
O3 BMA B . -17.01 -1.52 -37.59
O4 BMA B . -18.07 -4.04 -38.20
O5 BMA B . -14.48 -4.84 -37.79
O6 BMA B . -15.43 -7.43 -38.37
C1 BMA B . -6.08 -1.65 -35.81
C2 BMA B . -5.62 -0.45 -36.67
C3 BMA B . -5.85 0.89 -35.98
C4 BMA B . -5.32 0.92 -34.56
C5 BMA B . -4.79 -0.45 -34.14
C6 BMA B . -4.46 -0.55 -32.67
O2 BMA B . -6.22 -0.48 -37.97
O3 BMA B . -7.23 1.28 -36.03
O4 BMA B . -4.29 1.90 -34.45
O5 BMA B . -5.76 -1.47 -34.42
O6 BMA B . -3.99 -1.85 -32.32
C1 NAG C . -24.35 -2.64 3.37
C2 NAG C . -25.29 -3.41 2.44
C3 NAG C . -26.10 -2.43 1.61
C4 NAG C . -26.73 -1.33 2.47
C5 NAG C . -25.66 -0.69 3.36
C6 NAG C . -26.18 0.38 4.31
C7 NAG C . -24.41 -5.61 1.78
C8 NAG C . -23.56 -6.36 0.79
N2 NAG C . -24.51 -4.29 1.59
O3 NAG C . -27.13 -3.14 0.95
O4 NAG C . -27.29 -0.37 1.61
O5 NAG C . -25.07 -1.71 4.18
O6 NAG C . -27.22 -0.12 5.14
O7 NAG C . -24.95 -6.18 2.73
C1 NAG C . -28.61 -0.02 1.79
C2 NAG C . -28.83 1.32 1.09
C3 NAG C . -30.30 1.73 1.22
C4 NAG C . -31.23 0.61 0.76
C5 NAG C . -30.85 -0.74 1.37
C6 NAG C . -31.57 -1.91 0.76
C7 NAG C . -26.80 2.70 1.15
C8 NAG C . -26.09 3.83 1.83
N2 NAG C . -27.97 2.34 1.68
O3 NAG C . -30.47 2.89 0.40
O4 NAG C . -32.56 0.92 1.13
O5 NAG C . -29.45 -0.97 1.16
O6 NAG C . -31.30 -2.00 -0.64
O7 NAG C . -26.33 2.12 0.17
C1 BMA C . -33.42 1.35 0.12
C2 BMA C . -34.86 1.01 0.53
C3 BMA C . -35.78 1.53 -0.58
C4 BMA C . -35.62 3.03 -0.74
C5 BMA C . -34.17 3.34 -1.09
C6 BMA C . -33.93 4.83 -1.08
O2 BMA C . -35.07 1.61 1.81
O3 BMA C . -37.18 1.22 -0.52
O4 BMA C . -36.45 3.47 -1.81
O5 BMA C . -33.28 2.76 -0.11
O6 BMA C . -32.78 5.22 -1.78
C1 BMA C . -31.87 5.69 -0.88
C2 BMA C . -30.52 5.84 -1.55
C3 BMA C . -29.56 5.80 -0.36
C4 BMA C . -29.87 6.94 0.62
C5 BMA C . -31.36 6.95 0.98
C6 BMA C . -31.82 8.15 1.80
O2 BMA C . -30.48 7.09 -2.24
O3 BMA C . -28.20 5.58 -0.70
O4 BMA C . -29.17 6.66 1.83
O5 BMA C . -32.19 6.88 -0.19
O6 BMA C . -31.98 9.30 0.99
C1 BMA C . -27.53 6.26 -1.72
C2 BMA C . -26.04 6.04 -1.56
C3 BMA C . -25.31 6.93 -2.57
C4 BMA C . -25.87 6.79 -3.99
C5 BMA C . -27.40 6.70 -4.03
C6 BMA C . -27.96 6.24 -5.34
O2 BMA C . -25.77 4.66 -1.82
O3 BMA C . -23.93 6.61 -2.55
O4 BMA C . -25.50 7.95 -4.75
O5 BMA C . -27.89 5.80 -3.02
O6 BMA C . -29.37 6.36 -5.32
C1 BMA C . -37.72 0.54 0.49
C2 BMA C . -39.20 0.76 0.52
C3 BMA C . -39.60 0.41 1.94
C4 BMA C . -39.01 -0.93 2.41
C5 BMA C . -37.62 -1.25 1.84
C6 BMA C . -37.22 -2.71 1.95
O2 BMA C . -39.87 -0.06 -0.43
O3 BMA C . -41.00 0.45 2.09
O4 BMA C . -38.83 -0.84 3.82
O5 BMA C . -37.48 -0.85 0.47
O6 BMA C . -35.82 -2.83 1.75
C1 NAG D . -12.64 -3.29 28.81
C2 NAG D . -11.26 -3.64 29.41
C3 NAG D . -11.43 -4.90 30.26
C4 NAG D . -12.49 -4.71 31.34
C5 NAG D . -13.80 -4.21 30.72
C6 NAG D . -14.81 -3.77 31.76
C7 NAG D . -9.55 -2.88 27.78
C8 NAG D . -8.48 -3.33 26.83
N2 NAG D . -10.25 -3.86 28.38
O3 NAG D . -10.18 -5.24 30.86
O4 NAG D . -12.70 -5.95 32.01
O5 NAG D . -13.55 -3.06 29.89
O6 NAG D . -15.74 -2.81 31.26
O7 NAG D . -9.79 -1.68 27.97
N3 9TC E . 7.95 -2.97 -0.95
C4 9TC E . 7.74 -4.73 -4.19
N2 9TC E . 8.34 -5.72 -4.89
C7 9TC E . 7.24 -4.94 1.92
C6 9TC E . 7.46 -4.00 -0.18
C9 9TC E . 6.15 -5.90 0.03
C13 9TC E . 7.80 -8.01 5.21
C8 9TC E . 6.43 -5.96 1.41
N5 9TC E . 6.64 -4.96 -0.79
C18 9TC E . 8.49 -7.31 6.37
C16 9TC E . 10.09 -8.90 4.62
C1 9TC E . 9.59 -6.04 -4.51
C2 9TC E . 10.25 -5.38 -3.45
N1 9TC E . 9.66 -4.37 -2.76
C3 9TC E . 8.39 -4.06 -3.13
C5 9TC E . 7.70 -2.94 -2.38
N4 9TC E . 7.78 -3.97 1.17
C10 9TC E . 5.79 -7.03 2.20
O1 9TC E . 4.78 -7.60 1.78
N6 9TC E . 6.29 -7.37 3.44
C11 9TC E . 5.59 -8.38 4.26
C12 9TC E . 6.36 -8.41 5.58
C14 9TC E . 7.64 -7.08 3.97
C15 9TC E . 8.62 -9.26 4.84
O2 9TC E . 10.62 -8.25 5.75
C17 9TC E . 9.96 -7.06 6.05
H6 9TC E . 8.73 -2.43 -0.58
H3 9TC E . 6.70 -4.49 -4.49
H7 9TC E . 7.48 -4.84 3.00
H8 9TC E . 5.49 -6.64 -0.45
H21 9TC E . 7.99 -6.34 6.62
H22 9TC E . 8.40 -7.92 7.28
H17 9TC E . 10.72 -9.81 4.52
H18 9TC E . 10.25 -8.30 3.70
H1 9TC E . 10.08 -6.83 -5.08
H2 9TC E . 11.26 -5.62 -3.13
H5 9TC E . 6.60 -2.98 -2.58
H4 9TC E . 8.04 -1.96 -2.80
H10 9TC E . 5.57 -9.38 3.76
H9 9TC E . 4.52 -8.11 4.40
H11 9TC E . 5.93 -7.71 6.31
H12 9TC E . 6.31 -9.40 6.07
H14 9TC E . 7.72 -6.01 4.26
H13 9TC E . 8.42 -7.24 3.20
H15 9TC E . 8.53 -10.02 5.65
H16 9TC E . 8.20 -9.75 3.94
H20 9TC E . 10.08 -6.30 5.25
H19 9TC E . 10.51 -6.68 6.94
C1 NAG F . 4.28 21.56 -26.50
C2 NAG F . 4.80 22.89 -27.06
C3 NAG F . 3.80 23.99 -26.70
C4 NAG F . 2.40 23.65 -27.21
C5 NAG F . 1.97 22.28 -26.69
C6 NAG F . 0.65 21.80 -27.27
C7 NAG F . 7.28 22.88 -27.15
C8 NAG F . 8.52 23.48 -26.57
N2 NAG F . 6.12 23.21 -26.55
O3 NAG F . 4.23 25.24 -27.24
O4 NAG F . 1.47 24.64 -26.79
O5 NAG F . 2.96 21.29 -27.01
O6 NAG F . 0.76 21.40 -28.63
O7 NAG F . 7.32 22.13 -28.13
NA NA G . 10.55 -16.16 7.68
#